data_2RGX
#
_entry.id   2RGX
#
_cell.length_a   68.611
_cell.length_b   68.611
_cell.length_c   85.479
_cell.angle_alpha   90.00
_cell.angle_beta   90.00
_cell.angle_gamma   120.00
#
_symmetry.space_group_name_H-M   'P 31 2 1'
#
loop_
_entity.id
_entity.type
_entity.pdbx_description
1 polymer 'Adenylate kinase'
2 non-polymer 'ZINC ION'
3 non-polymer "BIS(ADENOSINE)-5'-PENTAPHOSPHATE"
4 water water
#
_entity_poly.entity_id   1
_entity_poly.type   'polypeptide(L)'
_entity_poly.pdbx_seq_one_letter_code
;MILVFLGPPGAGKGTQAKRLAKEKGFVHISTGDILREAVQKGTPLGKKAKEYMERGELVPDDLIIALIEEVFPKHGNVIF
DGFPRTVKQAEALDEMLEKKGLKVDHVLLFEVPDEVVIERLSGRRINPETGEVYHVKYNPPPPGVKVIQREDDKPEVIKK
RLEVYREQTAPLIEYYKKKGILRIIDASKPVEEVYRQVLEVIGDGN
;
_entity_poly.pdbx_strand_id   A
#
loop_
_chem_comp.id
_chem_comp.type
_chem_comp.name
_chem_comp.formula
AP5 non-polymer BIS(ADENOSINE)-5'-PENTAPHOSPHATE 'C20 H29 N10 O22 P5'
ZN non-polymer 'ZINC ION' 'Zn 2'
#
# COMPACT_ATOMS: atom_id res chain seq x y z
N MET A 1 -17.28 5.74 -2.04
CA MET A 1 -16.45 5.11 -3.11
C MET A 1 -15.36 4.24 -2.43
N ILE A 2 -15.06 3.06 -3.01
CA ILE A 2 -14.01 2.17 -2.45
C ILE A 2 -12.98 1.94 -3.50
N LEU A 3 -11.73 2.32 -3.17
CA LEU A 3 -10.63 2.09 -4.10
C LEU A 3 -9.62 1.12 -3.49
N VAL A 4 -8.97 0.35 -4.34
CA VAL A 4 -7.85 -0.53 -4.00
C VAL A 4 -6.66 -0.10 -4.86
N PHE A 5 -5.53 0.19 -4.21
CA PHE A 5 -4.22 0.45 -4.88
C PHE A 5 -3.41 -0.83 -4.75
N LEU A 6 -3.03 -1.39 -5.90
CA LEU A 6 -2.15 -2.56 -6.01
C LEU A 6 -0.85 -2.11 -6.64
N GLY A 7 0.27 -2.71 -6.26
CA GLY A 7 1.51 -2.37 -6.93
C GLY A 7 2.72 -2.77 -6.15
N PRO A 8 3.86 -2.88 -6.85
CA PRO A 8 5.06 -3.28 -6.16
C PRO A 8 5.47 -2.40 -4.98
N PRO A 9 6.28 -2.95 -4.10
CA PRO A 9 6.83 -2.16 -3.04
C PRO A 9 7.49 -0.93 -3.71
N GLY A 10 7.31 0.28 -3.17
CA GLY A 10 7.94 1.47 -3.75
C GLY A 10 7.21 2.15 -4.91
N ALA A 11 6.08 1.60 -5.34
CA ALA A 11 5.38 2.14 -6.51
C ALA A 11 4.84 3.53 -6.26
N GLY A 12 4.64 3.91 -4.99
CA GLY A 12 4.09 5.26 -4.68
C GLY A 12 2.61 5.23 -4.30
N LYS A 13 2.10 4.06 -3.90
CA LYS A 13 0.69 3.91 -3.47
C LYS A 13 0.40 4.79 -2.28
N GLY A 14 1.25 4.76 -1.26
CA GLY A 14 1.11 5.63 -0.09
C GLY A 14 1.11 7.13 -0.44
N THR A 15 2.04 7.49 -1.32
CA THR A 15 2.18 8.88 -1.76
C THR A 15 0.87 9.38 -2.43
N GLN A 16 0.35 8.61 -3.37
CA GLN A 16 -0.90 8.95 -4.00
C GLN A 16 -2.08 8.93 -3.04
N ALA A 17 -2.19 7.89 -2.21
CA ALA A 17 -3.32 7.78 -1.26
C ALA A 17 -3.32 8.93 -0.29
N LYS A 18 -2.16 9.26 0.24
CA LYS A 18 -2.05 10.34 1.19
C LYS A 18 -2.44 11.72 0.60
N ARG A 19 -2.20 11.91 -0.70
CA ARG A 19 -2.71 13.09 -1.42
C ARG A 19 -4.24 13.12 -1.63
N LEU A 20 -4.82 11.99 -2.04
CA LEU A 20 -6.28 11.91 -2.13
C LEU A 20 -6.91 12.12 -0.74
N ALA A 21 -6.30 11.55 0.30
CA ALA A 21 -6.79 11.76 1.64
C ALA A 21 -6.84 13.25 1.98
N LYS A 22 -5.75 13.98 1.80
CA LYS A 22 -5.75 15.38 2.20
C LYS A 22 -6.46 16.32 1.21
N GLU A 23 -6.65 15.91 -0.03
CA GLU A 23 -7.25 16.80 -1.02
C GLU A 23 -8.72 16.49 -1.33
N LYS A 24 -9.10 15.21 -1.18
CA LYS A 24 -10.48 14.81 -1.45
C LYS A 24 -11.18 14.06 -0.30
N GLY A 25 -10.60 14.06 0.90
CA GLY A 25 -11.26 13.47 2.05
C GLY A 25 -11.29 11.95 2.15
N PHE A 26 -10.61 11.24 1.24
CA PHE A 26 -10.56 9.76 1.36
C PHE A 26 -9.99 9.27 2.69
N VAL A 27 -10.47 8.13 3.18
CA VAL A 27 -9.85 7.53 4.35
C VAL A 27 -8.80 6.48 3.92
N HIS A 28 -7.55 6.71 4.29
CA HIS A 28 -6.43 5.94 3.75
C HIS A 28 -6.13 4.77 4.68
N ILE A 29 -6.28 3.54 4.17
CA ILE A 29 -6.00 2.34 4.96
C ILE A 29 -4.79 1.65 4.36
N SER A 30 -3.65 1.77 5.05
CA SER A 30 -2.42 1.12 4.60
C SER A 30 -2.11 0.04 5.63
N THR A 31 -2.35 -1.22 5.27
CA THR A 31 -2.03 -2.34 6.21
C THR A 31 -0.57 -2.33 6.68
N GLY A 32 0.36 -1.99 5.78
CA GLY A 32 1.80 -1.84 6.17
C GLY A 32 2.00 -0.82 7.29
N ASP A 33 1.37 0.35 7.14
CA ASP A 33 1.48 1.41 8.14
C ASP A 33 0.93 0.97 9.50
N ILE A 34 -0.26 0.38 9.44
CA ILE A 34 -0.97 -0.06 10.65
C ILE A 34 -0.15 -1.16 11.37
N LEU A 35 0.37 -2.13 10.61
CA LEU A 35 1.21 -3.21 11.17
C LEU A 35 2.51 -2.68 11.77
N ARG A 36 3.16 -1.76 11.05
CA ARG A 36 4.39 -1.14 11.53
C ARG A 36 4.18 -0.45 12.89
N GLU A 37 3.11 0.32 12.99
CA GLU A 37 2.79 0.95 14.26
C GLU A 37 2.53 -0.08 15.38
N ALA A 38 1.76 -1.13 15.09
CA ALA A 38 1.59 -2.21 16.08
C ALA A 38 2.94 -2.79 16.53
N VAL A 39 3.84 -3.09 15.57
CA VAL A 39 5.14 -3.64 15.89
C VAL A 39 5.92 -2.69 16.82
N GLN A 40 5.97 -1.42 16.43
CA GLN A 40 6.60 -0.35 17.22
C GLN A 40 6.05 -0.27 18.63
N LYS A 41 4.73 -0.38 18.77
CA LYS A 41 4.10 -0.35 20.10
C LYS A 41 4.27 -1.63 20.93
N GLY A 42 4.60 -2.74 20.28
CA GLY A 42 4.72 -4.05 20.92
C GLY A 42 3.42 -4.64 21.45
N THR A 43 2.31 -4.31 20.82
CA THR A 43 1.01 -4.93 21.11
C THR A 43 1.03 -6.41 20.65
N PRO A 44 0.07 -7.24 21.13
CA PRO A 44 -0.08 -8.64 20.64
C PRO A 44 -0.09 -8.73 19.13
N LEU A 45 -0.78 -7.79 18.47
CA LEU A 45 -0.76 -7.72 17.00
C LEU A 45 0.65 -7.50 16.45
N GLY A 46 1.36 -6.51 17.01
CA GLY A 46 2.74 -6.22 16.59
C GLY A 46 3.70 -7.40 16.78
N LYS A 47 3.56 -8.08 17.93
CA LYS A 47 4.35 -9.33 18.20
C LYS A 47 4.12 -10.44 17.16
N LYS A 48 2.88 -10.59 16.75
CA LYS A 48 2.48 -11.60 15.81
C LYS A 48 2.99 -11.26 14.41
N ALA A 49 2.99 -9.96 14.07
CA ALA A 49 3.37 -9.55 12.72
C ALA A 49 4.87 -9.37 12.49
N LYS A 50 5.60 -9.06 13.54
CA LYS A 50 7.02 -8.67 13.51
C LYS A 50 7.84 -9.62 12.64
N GLU A 51 7.72 -10.93 12.88
CA GLU A 51 8.60 -11.90 12.19
C GLU A 51 8.50 -11.81 10.68
N TYR A 52 7.29 -11.64 10.15
CA TYR A 52 7.08 -11.60 8.70
C TYR A 52 7.62 -10.31 8.14
N MET A 53 7.27 -9.19 8.76
CA MET A 53 7.63 -7.91 8.23
C MET A 53 9.15 -7.73 8.17
N GLU A 54 9.84 -8.24 9.21
CA GLU A 54 11.30 -8.21 9.29
C GLU A 54 12.01 -8.88 8.13
N ARG A 55 11.39 -9.93 7.61
CA ARG A 55 11.94 -10.75 6.55
C ARG A 55 11.38 -10.43 5.16
N GLY A 56 10.49 -9.44 5.06
CA GLY A 56 9.89 -9.12 3.78
C GLY A 56 8.85 -10.14 3.30
N GLU A 57 8.34 -10.96 4.24
CA GLU A 57 7.29 -11.94 3.95
C GLU A 57 5.92 -11.37 4.24
N LEU A 58 4.90 -11.95 3.57
CA LEU A 58 3.51 -11.62 3.86
C LEU A 58 3.14 -12.11 5.25
N VAL A 59 2.43 -11.24 5.94
CA VAL A 59 1.70 -11.62 7.14
C VAL A 59 0.59 -12.59 6.73
N PRO A 60 0.35 -13.65 7.54
CA PRO A 60 -0.67 -14.61 7.12
C PRO A 60 -2.08 -14.00 6.93
N ASP A 61 -2.82 -14.54 5.96
CA ASP A 61 -4.10 -13.99 5.51
C ASP A 61 -5.10 -13.84 6.64
N ASP A 62 -5.12 -14.83 7.55
CA ASP A 62 -6.07 -14.84 8.67
C ASP A 62 -5.92 -13.63 9.60
N LEU A 63 -4.69 -13.26 9.90
CA LEU A 63 -4.41 -12.09 10.73
C LEU A 63 -4.76 -10.76 10.02
N ILE A 64 -4.37 -10.66 8.75
CA ILE A 64 -4.72 -9.52 7.91
C ILE A 64 -6.22 -9.37 7.72
N ILE A 65 -6.91 -10.47 7.45
CA ILE A 65 -8.37 -10.38 7.23
C ILE A 65 -9.09 -9.87 8.47
N ALA A 66 -8.69 -10.37 9.63
CA ALA A 66 -9.28 -9.96 10.91
C ALA A 66 -8.99 -8.49 11.18
N LEU A 67 -7.77 -8.11 10.86
CA LEU A 67 -7.29 -6.71 10.98
C LEU A 67 -8.16 -5.75 10.17
N ILE A 68 -8.40 -6.12 8.90
CA ILE A 68 -9.17 -5.29 7.99
C ILE A 68 -10.61 -5.18 8.50
N GLU A 69 -11.15 -6.30 8.98
CA GLU A 69 -12.46 -6.27 9.66
C GLU A 69 -12.47 -5.17 10.77
N GLU A 70 -11.46 -5.16 11.61
CA GLU A 70 -11.36 -4.18 12.69
C GLU A 70 -11.11 -2.73 12.25
N VAL A 71 -10.37 -2.52 11.16
CA VAL A 71 -9.97 -1.15 10.79
C VAL A 71 -10.82 -0.55 9.67
N PHE A 72 -11.74 -1.33 9.15
CA PHE A 72 -12.57 -0.85 8.06
C PHE A 72 -13.25 0.45 8.53
N PRO A 73 -13.06 1.59 7.79
CA PRO A 73 -13.78 2.81 8.19
C PRO A 73 -15.32 2.64 8.01
N LYS A 74 -16.11 2.99 9.02
CA LYS A 74 -17.59 2.86 8.97
C LYS A 74 -18.17 3.93 8.05
N HIS A 75 -17.45 5.05 7.92
CA HIS A 75 -17.92 6.15 7.08
C HIS A 75 -16.83 6.63 6.13
N GLY A 76 -17.25 7.10 4.96
CA GLY A 76 -16.33 7.87 4.12
C GLY A 76 -15.86 7.05 2.94
N ASN A 77 -15.23 7.73 2.00
CA ASN A 77 -14.59 7.02 0.88
C ASN A 77 -13.28 6.39 1.37
N VAL A 78 -12.98 5.16 0.93
CA VAL A 78 -11.82 4.44 1.47
C VAL A 78 -10.81 4.09 0.40
N ILE A 79 -9.51 4.21 0.71
CA ILE A 79 -8.49 3.68 -0.18
C ILE A 79 -7.77 2.56 0.54
N PHE A 80 -7.85 1.34 -0.01
CA PHE A 80 -7.11 0.20 0.57
C PHE A 80 -5.78 0.14 -0.19
N ASP A 81 -4.69 0.24 0.54
CA ASP A 81 -3.36 0.41 -0.02
C ASP A 81 -2.50 -0.71 0.53
N GLY A 82 -2.08 -1.61 -0.35
CA GLY A 82 -1.28 -2.80 0.05
C GLY A 82 -2.13 -3.91 0.65
N PHE A 83 -3.43 -3.79 0.47
CA PHE A 83 -4.46 -4.79 0.79
C PHE A 83 -5.55 -4.70 -0.28
N PRO A 84 -6.02 -5.84 -0.83
CA PRO A 84 -5.56 -7.26 -0.71
C PRO A 84 -4.17 -7.45 -1.33
N ARG A 85 -3.45 -8.45 -0.84
CA ARG A 85 -2.18 -8.91 -1.43
C ARG A 85 -2.28 -10.32 -1.98
N THR A 86 -3.39 -11.01 -1.62
CA THR A 86 -3.71 -12.38 -2.13
C THR A 86 -5.15 -12.51 -2.54
N VAL A 87 -5.44 -13.50 -3.41
CA VAL A 87 -6.83 -13.77 -3.80
C VAL A 87 -7.67 -14.04 -2.53
N LYS A 88 -7.11 -14.74 -1.55
CA LYS A 88 -7.94 -15.02 -0.36
C LYS A 88 -8.35 -13.73 0.34
N GLN A 89 -7.40 -12.81 0.49
CA GLN A 89 -7.70 -11.48 1.02
C GLN A 89 -8.71 -10.71 0.19
N ALA A 90 -8.56 -10.73 -1.15
CA ALA A 90 -9.53 -10.04 -2.05
C ALA A 90 -10.95 -10.60 -1.94
N GLU A 91 -11.05 -11.92 -1.85
CA GLU A 91 -12.36 -12.55 -1.65
C GLU A 91 -13.02 -12.12 -0.35
N ALA A 92 -12.26 -12.16 0.76
CA ALA A 92 -12.72 -11.67 2.05
C ALA A 92 -13.20 -10.18 1.96
N LEU A 93 -12.43 -9.33 1.27
CA LEU A 93 -12.82 -7.93 1.09
C LEU A 93 -14.11 -7.83 0.26
N ASP A 94 -14.22 -8.59 -0.81
CA ASP A 94 -15.44 -8.55 -1.63
C ASP A 94 -16.68 -9.00 -0.85
N GLU A 95 -16.51 -9.95 0.07
CA GLU A 95 -17.62 -10.45 0.91
C GLU A 95 -18.02 -9.46 1.99
N MET A 96 -17.04 -8.91 2.71
CA MET A 96 -17.25 -7.82 3.69
C MET A 96 -18.08 -6.67 3.10
N LEU A 97 -17.67 -6.20 1.92
CA LEU A 97 -18.35 -5.11 1.23
C LEU A 97 -19.77 -5.49 0.80
N GLU A 98 -19.90 -6.67 0.20
CA GLU A 98 -21.20 -7.16 -0.19
C GLU A 98 -22.20 -7.21 0.97
N LYS A 99 -21.78 -7.68 2.13
CA LYS A 99 -22.66 -7.58 3.29
C LYS A 99 -23.15 -6.15 3.51
N LYS A 100 -22.33 -5.15 3.21
CA LYS A 100 -22.74 -3.75 3.40
C LYS A 100 -23.48 -3.19 2.16
N GLY A 101 -23.69 -4.03 1.14
CA GLY A 101 -24.26 -3.56 -0.12
C GLY A 101 -23.33 -2.59 -0.83
N LEU A 102 -22.03 -2.64 -0.48
CA LEU A 102 -20.96 -1.92 -1.18
C LEU A 102 -20.14 -2.87 -2.08
N LYS A 103 -19.34 -2.30 -2.97
CA LYS A 103 -18.37 -3.06 -3.72
C LYS A 103 -17.07 -2.28 -3.89
N VAL A 104 -16.06 -2.91 -4.50
CA VAL A 104 -14.86 -2.16 -4.90
C VAL A 104 -15.14 -1.48 -6.23
N ASP A 105 -14.99 -0.17 -6.24
CA ASP A 105 -15.29 0.59 -7.46
C ASP A 105 -14.16 0.51 -8.47
N HIS A 106 -12.92 0.60 -7.98
CA HIS A 106 -11.77 0.63 -8.86
C HIS A 106 -10.57 0.03 -8.17
N VAL A 107 -9.82 -0.74 -8.96
CA VAL A 107 -8.51 -1.29 -8.60
C VAL A 107 -7.46 -0.64 -9.51
N LEU A 108 -6.58 0.14 -8.90
CA LEU A 108 -5.51 0.84 -9.62
C LEU A 108 -4.20 0.07 -9.45
N LEU A 109 -3.69 -0.46 -10.56
CA LEU A 109 -2.41 -1.17 -10.56
C LEU A 109 -1.27 -0.20 -10.89
N PHE A 110 -0.45 0.10 -9.88
CA PHE A 110 0.70 1.01 -10.00
C PHE A 110 1.93 0.26 -10.52
N GLU A 111 2.08 0.24 -11.84
CA GLU A 111 3.16 -0.47 -12.52
C GLU A 111 4.46 0.29 -12.54
N VAL A 112 5.51 -0.26 -11.91
CA VAL A 112 6.91 0.17 -12.10
C VAL A 112 7.85 -1.05 -12.28
N PRO A 113 8.96 -0.88 -13.04
CA PRO A 113 9.99 -1.94 -13.08
C PRO A 113 10.73 -2.15 -11.77
N ASP A 114 11.32 -3.34 -11.62
CA ASP A 114 12.14 -3.68 -10.43
C ASP A 114 13.21 -2.64 -10.14
N GLU A 115 13.89 -2.16 -11.18
CA GLU A 115 14.99 -1.19 -11.03
C GLU A 115 14.52 0.05 -10.27
N VAL A 116 13.31 0.50 -10.63
CA VAL A 116 12.69 1.68 -10.05
C VAL A 116 12.28 1.36 -8.58
N VAL A 117 11.71 0.17 -8.34
CA VAL A 117 11.41 -0.31 -6.97
C VAL A 117 12.61 -0.14 -6.02
N ILE A 118 13.75 -0.64 -6.46
CA ILE A 118 14.93 -0.63 -5.65
C ILE A 118 15.30 0.84 -5.41
N GLU A 119 15.28 1.66 -6.48
CA GLU A 119 15.64 3.09 -6.41
C GLU A 119 14.74 3.83 -5.41
N ARG A 120 13.43 3.61 -5.57
CA ARG A 120 12.42 4.29 -4.73
C ARG A 120 12.54 3.95 -3.25
N LEU A 121 12.69 2.66 -2.91
CA LEU A 121 12.75 2.22 -1.51
C LEU A 121 14.09 2.50 -0.82
N SER A 122 15.20 2.29 -1.53
CA SER A 122 16.50 2.54 -0.94
C SER A 122 16.69 4.02 -0.60
N GLY A 123 16.11 4.91 -1.42
CA GLY A 123 16.15 6.36 -1.20
C GLY A 123 14.97 6.87 -0.35
N ARG A 124 14.13 5.97 0.15
CA ARG A 124 12.97 6.41 0.95
C ARG A 124 13.38 6.84 2.35
N ARG A 125 12.87 7.99 2.80
CA ARG A 125 13.17 8.48 4.15
C ARG A 125 11.89 8.94 4.82
N ILE A 126 11.82 8.74 6.14
CA ILE A 126 10.64 9.05 6.92
C ILE A 126 11.07 10.03 8.00
N ASN A 127 10.27 11.08 8.18
CA ASN A 127 10.32 11.88 9.39
C ASN A 127 9.64 11.05 10.49
N PRO A 128 10.40 10.57 11.48
CA PRO A 128 9.89 9.65 12.53
C PRO A 128 8.89 10.32 13.43
N GLU A 129 8.78 11.65 13.32
CA GLU A 129 7.91 12.43 14.15
C GLU A 129 6.49 12.42 13.69
N THR A 130 6.29 12.22 12.39
CA THR A 130 5.01 12.45 11.76
C THR A 130 4.65 11.32 10.79
N GLY A 131 5.64 10.50 10.48
CA GLY A 131 5.54 9.50 9.40
C GLY A 131 5.47 10.07 7.98
N GLU A 132 5.81 11.35 7.81
CA GLU A 132 5.83 11.89 6.45
C GLU A 132 6.91 11.22 5.62
N VAL A 133 6.59 10.91 4.38
CA VAL A 133 7.47 10.09 3.54
C VAL A 133 8.18 10.99 2.51
N TYR A 134 9.50 10.85 2.41
CA TYR A 134 10.37 11.66 1.55
C TYR A 134 11.21 10.74 0.65
N HIS A 135 11.85 11.30 -0.36
CA HIS A 135 12.80 10.47 -1.12
C HIS A 135 14.05 11.31 -1.31
N VAL A 136 15.19 10.75 -0.95
CA VAL A 136 16.43 11.52 -0.95
C VAL A 136 16.70 12.32 -2.23
N LYS A 137 16.36 11.75 -3.39
CA LYS A 137 16.48 12.45 -4.68
C LYS A 137 15.21 13.20 -5.15
N TYR A 138 14.10 12.46 -5.18
CA TYR A 138 12.90 12.94 -5.84
C TYR A 138 12.05 13.86 -4.98
N ASN A 139 12.15 13.74 -3.68
CA ASN A 139 11.32 14.55 -2.80
C ASN A 139 12.01 14.66 -1.44
N PRO A 140 13.19 15.32 -1.41
CA PRO A 140 14.02 15.31 -0.20
C PRO A 140 13.35 16.00 0.97
N PRO A 141 13.70 15.59 2.20
CA PRO A 141 13.23 16.38 3.32
C PRO A 141 13.82 17.79 3.20
N PRO A 142 13.05 18.82 3.55
CA PRO A 142 13.61 20.20 3.55
C PRO A 142 14.77 20.37 4.54
N PRO A 143 15.62 21.39 4.34
CA PRO A 143 16.66 21.62 5.32
C PRO A 143 16.11 21.64 6.76
N GLY A 144 16.85 21.01 7.66
CA GLY A 144 16.53 21.06 9.07
C GLY A 144 15.72 19.89 9.57
N VAL A 145 15.05 19.20 8.65
CA VAL A 145 14.14 18.09 9.01
C VAL A 145 14.97 16.78 9.06
N LYS A 146 15.06 16.22 10.25
CA LYS A 146 15.67 14.91 10.51
C LYS A 146 14.79 13.73 10.06
N VAL A 147 15.40 12.79 9.40
CA VAL A 147 14.75 11.63 8.81
C VAL A 147 15.53 10.33 9.11
N ILE A 148 14.84 9.20 9.01
CA ILE A 148 15.43 7.89 9.13
C ILE A 148 15.08 7.05 7.88
N GLN A 149 15.83 5.96 7.71
CA GLN A 149 15.50 4.92 6.76
C GLN A 149 14.88 3.74 7.50
N ARG A 150 13.75 3.27 6.99
CA ARG A 150 13.01 2.12 7.52
C ARG A 150 13.93 0.89 7.46
N GLU A 151 13.87 0.04 8.48
CA GLU A 151 14.78 -1.11 8.57
C GLU A 151 14.50 -2.09 7.42
N ASP A 152 13.23 -2.14 6.98
CA ASP A 152 12.78 -3.01 5.91
C ASP A 152 12.99 -2.42 4.51
N ASP A 153 13.57 -1.22 4.45
CA ASP A 153 14.06 -0.66 3.20
C ASP A 153 15.56 -0.96 2.97
N LYS A 154 16.11 -1.89 3.74
CA LYS A 154 17.47 -2.37 3.49
C LYS A 154 17.48 -3.32 2.28
N PRO A 155 18.59 -3.37 1.52
CA PRO A 155 18.58 -4.12 0.25
C PRO A 155 18.06 -5.56 0.25
N GLU A 156 18.33 -6.34 1.29
CA GLU A 156 17.97 -7.77 1.30
C GLU A 156 16.47 -7.92 1.46
N VAL A 157 15.89 -7.03 2.27
CA VAL A 157 14.47 -7.05 2.57
C VAL A 157 13.64 -6.52 1.39
N ILE A 158 14.07 -5.41 0.79
CA ILE A 158 13.45 -4.96 -0.48
C ILE A 158 13.38 -6.10 -1.50
N LYS A 159 14.47 -6.84 -1.68
CA LYS A 159 14.51 -7.87 -2.70
C LYS A 159 13.47 -8.94 -2.35
N LYS A 160 13.44 -9.36 -1.10
CA LYS A 160 12.42 -10.35 -0.71
C LYS A 160 10.99 -9.81 -0.89
N ARG A 161 10.77 -8.57 -0.46
CA ARG A 161 9.42 -7.98 -0.61
C ARG A 161 9.02 -7.93 -2.10
N LEU A 162 9.95 -7.56 -2.97
CA LEU A 162 9.65 -7.51 -4.38
C LEU A 162 9.31 -8.90 -4.92
N GLU A 163 10.10 -9.91 -4.53
CA GLU A 163 9.91 -11.32 -4.98
C GLU A 163 8.50 -11.79 -4.62
N VAL A 164 8.16 -11.69 -3.33
CA VAL A 164 6.84 -12.04 -2.81
C VAL A 164 5.73 -11.27 -3.55
N TYR A 165 5.95 -9.97 -3.82
CA TYR A 165 4.97 -9.23 -4.64
C TYR A 165 4.80 -9.81 -6.06
N ARG A 166 5.91 -10.00 -6.79
CA ARG A 166 5.79 -10.46 -8.19
C ARG A 166 5.08 -11.84 -8.25
N GLU A 167 5.43 -12.74 -7.33
CA GLU A 167 4.74 -14.04 -7.20
C GLU A 167 3.26 -13.96 -6.80
N GLN A 168 2.94 -13.26 -5.71
CA GLN A 168 1.56 -13.22 -5.20
C GLN A 168 0.56 -12.35 -5.96
N THR A 169 1.03 -11.33 -6.68
CA THR A 169 0.11 -10.40 -7.34
C THR A 169 -0.47 -10.94 -8.63
N ALA A 170 0.28 -11.81 -9.30
CA ALA A 170 -0.20 -12.38 -10.57
C ALA A 170 -1.68 -12.89 -10.54
N PRO A 171 -2.02 -13.86 -9.65
CA PRO A 171 -3.42 -14.30 -9.53
C PRO A 171 -4.40 -13.20 -9.09
N LEU A 172 -3.90 -12.20 -8.37
CA LEU A 172 -4.74 -11.12 -7.85
C LEU A 172 -5.08 -10.18 -8.98
N ILE A 173 -4.09 -9.81 -9.80
CA ILE A 173 -4.35 -9.10 -11.06
C ILE A 173 -5.43 -9.80 -11.88
N GLU A 174 -5.23 -11.09 -12.16
CA GLU A 174 -6.20 -11.90 -12.91
C GLU A 174 -7.60 -11.77 -12.26
N TYR A 175 -7.66 -11.97 -10.94
CA TYR A 175 -8.91 -11.89 -10.17
C TYR A 175 -9.71 -10.62 -10.47
N TYR A 176 -9.02 -9.49 -10.51
CA TYR A 176 -9.71 -8.20 -10.69
C TYR A 176 -9.95 -7.84 -12.14
N LYS A 177 -9.09 -8.32 -13.04
CA LYS A 177 -9.28 -8.20 -14.48
C LYS A 177 -10.60 -8.89 -14.85
N LYS A 178 -10.82 -10.10 -14.32
CA LYS A 178 -12.11 -10.80 -14.44
C LYS A 178 -13.33 -9.96 -14.09
N LYS A 179 -13.21 -9.08 -13.09
CA LYS A 179 -14.34 -8.24 -12.65
C LYS A 179 -14.48 -6.99 -13.48
N GLY A 180 -13.49 -6.72 -14.33
CA GLY A 180 -13.50 -5.54 -15.18
C GLY A 180 -13.28 -4.21 -14.47
N ILE A 181 -12.73 -4.21 -13.26
CA ILE A 181 -12.57 -2.94 -12.52
C ILE A 181 -11.11 -2.49 -12.38
N LEU A 182 -10.19 -3.27 -12.95
CA LEU A 182 -8.76 -2.94 -12.87
C LEU A 182 -8.38 -1.91 -13.92
N ARG A 183 -7.58 -0.92 -13.51
CA ARG A 183 -6.99 0.08 -14.40
C ARG A 183 -5.51 0.12 -14.12
N ILE A 184 -4.70 0.02 -15.16
CA ILE A 184 -3.27 0.14 -15.02
C ILE A 184 -2.83 1.60 -15.03
N ILE A 185 -1.87 1.96 -14.18
CA ILE A 185 -1.25 3.25 -14.36
C ILE A 185 0.27 3.12 -14.38
N ASP A 186 0.89 3.97 -15.18
CA ASP A 186 2.34 4.00 -15.26
C ASP A 186 2.87 4.79 -14.06
N ALA A 187 3.26 4.06 -13.02
CA ALA A 187 3.71 4.67 -11.78
C ALA A 187 5.21 5.03 -11.86
N SER A 188 5.82 4.85 -13.03
CA SER A 188 7.23 5.21 -13.21
C SER A 188 7.41 6.71 -13.47
N LYS A 189 6.30 7.38 -13.78
CA LYS A 189 6.30 8.82 -14.00
C LYS A 189 6.47 9.64 -12.72
N PRO A 190 6.77 10.96 -12.84
CA PRO A 190 6.86 11.83 -11.67
C PRO A 190 5.56 11.81 -10.87
N VAL A 191 5.63 12.19 -9.60
CA VAL A 191 4.48 12.09 -8.67
C VAL A 191 3.25 12.79 -9.24
N GLU A 192 3.47 13.93 -9.89
CA GLU A 192 2.36 14.73 -10.39
C GLU A 192 1.69 14.04 -11.54
N GLU A 193 2.47 13.46 -12.44
CA GLU A 193 1.91 12.72 -13.55
C GLU A 193 1.15 11.46 -13.06
N VAL A 194 1.65 10.83 -12.01
CA VAL A 194 0.97 9.66 -11.47
C VAL A 194 -0.38 10.09 -10.85
N TYR A 195 -0.35 11.17 -10.09
CA TYR A 195 -1.57 11.65 -9.47
C TYR A 195 -2.64 11.93 -10.52
N ARG A 196 -2.23 12.42 -11.68
CA ARG A 196 -3.18 12.81 -12.70
C ARG A 196 -3.88 11.61 -13.31
N GLN A 197 -3.10 10.57 -13.64
CA GLN A 197 -3.64 9.26 -14.04
C GLN A 197 -4.61 8.71 -13.00
N VAL A 198 -4.24 8.79 -11.72
CA VAL A 198 -5.16 8.38 -10.63
C VAL A 198 -6.54 9.08 -10.73
N LEU A 199 -6.51 10.40 -10.75
CA LEU A 199 -7.71 11.23 -10.82
C LEU A 199 -8.52 10.96 -12.05
N GLU A 200 -7.83 10.71 -13.16
CA GLU A 200 -8.47 10.37 -14.42
C GLU A 200 -9.23 9.06 -14.29
N VAL A 201 -8.60 8.04 -13.70
CA VAL A 201 -9.26 6.74 -13.57
C VAL A 201 -10.48 6.81 -12.66
N ILE A 202 -10.42 7.59 -11.59
CA ILE A 202 -11.48 7.59 -10.58
C ILE A 202 -12.56 8.65 -10.82
N GLY A 203 -12.28 9.60 -11.70
CA GLY A 203 -13.23 10.65 -12.04
C GLY A 203 -13.85 10.27 -13.37
ZN ZN B . 3.17 2.21 1.52
ZN ZN C . 9.42 -16.67 -3.73
ZN ZN D . -22.34 -12.73 1.39
ZN ZN E . -15.85 5.47 -10.57
PA AP5 F . 5.61 5.04 -1.18
O1A AP5 F . 4.44 5.96 -1.34
O2A AP5 F . 6.05 4.79 0.23
O3A AP5 F . 5.38 3.63 -1.97
PB AP5 F . 4.40 2.43 -1.56
O1B AP5 F . 3.81 1.94 -2.82
O2B AP5 F . 3.36 2.90 -0.62
O3B AP5 F . 5.50 1.37 -1.06
PG AP5 F . 5.62 0.50 0.29
O1G AP5 F . 7.08 0.49 0.64
O2G AP5 F . 4.85 0.90 1.56
O3G AP5 F . 5.34 -0.89 -0.36
PD AP5 F . 4.59 -2.20 0.12
O1D AP5 F . 3.24 -2.02 -0.55
O2D AP5 F . 5.30 -3.40 -0.49
O3D AP5 F . 4.75 -2.34 1.71
PE AP5 F . 3.60 -2.18 2.82
O1E AP5 F . 3.98 -1.06 3.74
O2E AP5 F . 2.25 -2.31 2.19
O5F AP5 F . 6.82 5.58 -2.11
C5F AP5 F . 8.11 4.92 -2.05
C4F AP5 F . 9.25 5.97 -2.24
O4F AP5 F . 9.15 6.53 -3.52
C3F AP5 F . 9.16 7.14 -1.28
O3F AP5 F . 10.52 7.43 -0.93
C2F AP5 F . 8.46 8.26 -2.08
O2F AP5 F . 8.80 9.59 -1.62
C1F AP5 F . 8.93 7.96 -3.49
N9A AP5 F . 7.97 8.15 -4.58
C8A AP5 F . 6.64 7.84 -4.59
N7A AP5 F . 6.16 8.12 -5.83
C5A AP5 F . 7.18 8.55 -6.61
C6A AP5 F . 7.24 8.97 -7.94
N6A AP5 F . 6.18 8.89 -8.77
N1A AP5 F . 8.46 9.38 -8.46
C2A AP5 F . 9.60 9.41 -7.69
N3A AP5 F . 9.51 9.01 -6.36
C4A AP5 F . 8.32 8.58 -5.83
O5J AP5 F . 3.81 -3.50 3.71
C5J AP5 F . 4.97 -3.71 4.47
C4J AP5 F . 4.93 -5.17 4.92
O4J AP5 F . 3.77 -5.36 5.75
C3J AP5 F . 4.83 -6.22 3.83
O3J AP5 F . 6.09 -6.61 3.36
C2J AP5 F . 4.18 -7.37 4.57
O2J AP5 F . 5.16 -7.98 5.41
C1J AP5 F . 3.21 -6.62 5.47
N9B AP5 F . 1.87 -6.37 4.85
C8B AP5 F . 1.25 -5.18 4.62
N7B AP5 F . 0.05 -5.43 4.10
C5B AP5 F . -0.14 -6.76 3.98
C6B AP5 F . -1.15 -7.56 3.49
N6B AP5 F . -2.32 -7.10 3.02
N1B AP5 F . -0.96 -8.93 3.54
C2B AP5 F . 0.20 -9.51 4.03
N3B AP5 F . 1.21 -8.71 4.49
C4B AP5 F . 1.03 -7.36 4.46
#